data_5HIM
#
_entry.id   5HIM
#
_cell.length_a   51.975
_cell.length_b   121.219
_cell.length_c   131.686
_cell.angle_alpha   90.00
_cell.angle_beta   90.00
_cell.angle_gamma   90.00
#
_symmetry.space_group_name_H-M   'I 2 2 2'
#
loop_
_entity.id
_entity.type
_entity.pdbx_description
1 polymer 'Glycine sarcosine N-methyltransferase'
2 non-polymer S-ADENOSYL-L-HOMOCYSTEINE
3 non-polymer N,N-DIMETHYLGLYCINE
4 non-polymer 1,2-ETHANEDIOL
5 water water
#
_entity_poly.entity_id   1
_entity_poly.type   'polypeptide(L)'
_entity_poly.pdbx_seq_one_letter_code
;MGSSHHHHHHSSGLVPRGSHMMNQYGKQDFGDNPIEVRESDHYEEEYVLGFVDKWDELIDWESRAESEGDTIINILKERG
VKKVLDVATGTGFNSVRLLQAGFDVVSADGSAEMLVKAFDNARDHGYLMRTVQADWRWMNKDIHDKFDAIVCLGNSFTHL
FDEGDRRKALAEFYALLKHDGVLLLDQRNYDAILDDGYSSKHAHYYCGDTVSVYPEHVDEGLARFKYEFSDGSVYNLNMF
PLRKDYTRQLLHEVGFQEINTLGDFKETYKEDEPDFFLHVAEKN
;
_entity_poly.pdbx_strand_id   A
#
# COMPACT_ATOMS: atom_id res chain seq x y z
N ASP A 41 3.06 -18.48 -12.46
CA ASP A 41 2.78 -19.09 -11.16
C ASP A 41 1.29 -19.00 -10.80
N HIS A 42 0.54 -20.03 -11.17
CA HIS A 42 -0.87 -20.10 -10.82
C HIS A 42 -1.05 -20.18 -9.31
N TYR A 43 -0.29 -21.07 -8.67
CA TYR A 43 -0.42 -21.31 -7.23
C TYR A 43 -0.04 -20.10 -6.38
N GLU A 44 0.93 -19.32 -6.82
CA GLU A 44 1.37 -18.21 -6.01
C GLU A 44 0.29 -17.14 -5.94
N GLU A 45 -0.44 -16.94 -7.04
CA GLU A 45 -1.54 -15.97 -7.02
C GLU A 45 -2.68 -16.48 -6.12
N GLU A 46 -2.97 -17.77 -6.25
CA GLU A 46 -3.97 -18.42 -5.42
C GLU A 46 -3.60 -18.37 -3.91
N TYR A 47 -2.31 -18.50 -3.62
CA TYR A 47 -1.82 -18.44 -2.24
C TYR A 47 -2.08 -17.08 -1.62
N VAL A 48 -1.73 -16.02 -2.35
CA VAL A 48 -1.94 -14.66 -1.89
C VAL A 48 -3.45 -14.29 -1.86
N LEU A 49 -4.24 -14.86 -2.77
CA LEU A 49 -5.68 -14.61 -2.75
C LEU A 49 -6.27 -15.22 -1.48
N GLY A 50 -5.74 -16.38 -1.07
CA GLY A 50 -6.17 -17.00 0.18
C GLY A 50 -5.81 -16.13 1.38
N PHE A 51 -4.64 -15.51 1.32
CA PHE A 51 -4.15 -14.62 2.37
C PHE A 51 -5.06 -13.40 2.59
N VAL A 52 -5.42 -12.72 1.51
CA VAL A 52 -6.20 -11.49 1.65
C VAL A 52 -7.62 -11.81 2.10
N ASP A 53 -8.13 -12.96 1.66
CA ASP A 53 -9.44 -13.44 2.10
C ASP A 53 -9.44 -13.61 3.63
N LYS A 54 -8.37 -14.20 4.14
CA LYS A 54 -8.23 -14.46 5.56
C LYS A 54 -8.11 -13.15 6.33
N TRP A 55 -7.32 -12.23 5.80
CA TRP A 55 -7.14 -10.90 6.40
C TRP A 55 -8.49 -10.19 6.57
N ASP A 56 -9.28 -10.17 5.50
CA ASP A 56 -10.60 -9.54 5.53
C ASP A 56 -11.66 -10.35 6.27
N GLU A 57 -11.51 -11.67 6.30
CA GLU A 57 -12.41 -12.50 7.10
C GLU A 57 -12.29 -12.08 8.57
N LEU A 58 -11.06 -11.88 9.03
CA LEU A 58 -10.83 -11.74 10.48
C LEU A 58 -10.64 -10.29 10.96
N ILE A 59 -10.41 -9.38 10.03
CA ILE A 59 -10.17 -7.99 10.37
C ILE A 59 -11.20 -7.09 9.70
N ASP A 60 -12.12 -6.58 10.49
CA ASP A 60 -13.20 -5.79 9.92
C ASP A 60 -12.71 -4.37 9.62
N TRP A 61 -13.25 -3.79 8.56
CA TRP A 61 -12.74 -2.53 8.05
C TRP A 61 -13.03 -1.34 8.98
N GLU A 62 -14.12 -1.40 9.72
CA GLU A 62 -14.41 -0.35 10.69
C GLU A 62 -13.30 -0.24 11.74
N SER A 63 -12.82 -1.36 12.25
CA SER A 63 -11.75 -1.34 13.26
C SER A 63 -10.48 -0.78 12.65
N ARG A 64 -10.19 -1.24 11.45
CA ARG A 64 -9.02 -0.81 10.74
C ARG A 64 -9.07 0.70 10.41
N ALA A 65 -10.25 1.20 10.08
CA ALA A 65 -10.43 2.62 9.78
C ALA A 65 -10.21 3.48 11.03
N GLU A 66 -10.76 3.02 12.16
CA GLU A 66 -10.60 3.70 13.44
C GLU A 66 -9.11 3.84 13.78
N SER A 67 -8.36 2.77 13.55
CA SER A 67 -6.94 2.71 13.87
C SER A 67 -6.08 3.57 12.96
N GLU A 68 -6.29 3.42 11.65
CA GLU A 68 -5.56 4.21 10.66
C GLU A 68 -5.70 5.69 10.97
N GLY A 69 -6.91 6.10 11.35
CA GLY A 69 -7.19 7.49 11.59
C GLY A 69 -7.34 8.20 10.26
N ASP A 70 -7.40 9.52 10.31
CA ASP A 70 -7.68 10.30 9.12
C ASP A 70 -6.50 11.15 8.66
N THR A 71 -5.29 10.70 8.94
CA THR A 71 -4.11 11.47 8.55
C THR A 71 -4.01 11.58 7.04
N ILE A 72 -4.12 10.45 6.35
CA ILE A 72 -4.01 10.44 4.91
C ILE A 72 -5.15 11.25 4.26
N ILE A 73 -6.37 11.06 4.73
CA ILE A 73 -7.49 11.86 4.26
C ILE A 73 -7.25 13.35 4.46
N ASN A 74 -6.75 13.73 5.63
CA ASN A 74 -6.49 15.14 5.93
C ASN A 74 -5.42 15.72 5.02
N ILE A 75 -4.38 14.93 4.74
CA ILE A 75 -3.31 15.38 3.85
C ILE A 75 -3.85 15.69 2.46
N LEU A 76 -4.68 14.81 1.93
CA LEU A 76 -5.30 15.04 0.62
C LEU A 76 -6.26 16.25 0.67
N LYS A 77 -7.06 16.34 1.72
CA LYS A 77 -8.00 17.46 1.89
C LYS A 77 -7.26 18.80 1.86
N GLU A 78 -6.20 18.91 2.66
CA GLU A 78 -5.44 20.15 2.78
C GLU A 78 -4.85 20.63 1.46
N ARG A 79 -4.66 19.71 0.53
CA ARG A 79 -4.09 20.05 -0.76
C ARG A 79 -5.15 20.32 -1.81
N GLY A 80 -6.42 20.27 -1.41
CA GLY A 80 -7.52 20.45 -2.34
C GLY A 80 -7.65 19.31 -3.35
N VAL A 81 -7.24 18.12 -2.95
CA VAL A 81 -7.31 16.96 -3.84
C VAL A 81 -8.76 16.56 -4.16
N LYS A 82 -9.06 16.33 -5.43
CA LYS A 82 -10.36 15.80 -5.80
C LYS A 82 -10.22 14.44 -6.49
N LYS A 83 -9.37 14.35 -7.52
CA LYS A 83 -9.21 13.08 -8.23
C LYS A 83 -8.07 12.25 -7.64
N VAL A 84 -8.37 11.02 -7.25
CA VAL A 84 -7.36 10.12 -6.72
C VAL A 84 -7.29 8.83 -7.50
N LEU A 85 -6.06 8.39 -7.78
CA LEU A 85 -5.80 7.10 -8.36
C LEU A 85 -5.17 6.18 -7.31
N ASP A 86 -5.86 5.08 -6.99
CA ASP A 86 -5.32 4.02 -6.13
C ASP A 86 -4.64 2.96 -7.00
N VAL A 87 -3.32 2.83 -6.91
CA VAL A 87 -2.64 1.89 -7.80
C VAL A 87 -2.42 0.52 -7.14
N ALA A 88 -2.83 0.39 -5.88
CA ALA A 88 -2.65 -0.87 -5.17
C ALA A 88 -3.94 -1.20 -4.43
N THR A 89 -5.00 -1.40 -5.20
CA THR A 89 -6.33 -1.43 -4.61
C THR A 89 -6.50 -2.64 -3.68
N GLY A 90 -5.92 -3.77 -4.06
CA GLY A 90 -6.06 -4.99 -3.29
C GLY A 90 -7.53 -5.30 -3.15
N THR A 91 -7.98 -5.54 -1.92
CA THR A 91 -9.40 -5.82 -1.72
C THR A 91 -10.20 -4.53 -1.46
N GLY A 92 -9.51 -3.40 -1.49
CA GLY A 92 -10.20 -2.13 -1.68
C GLY A 92 -10.34 -1.23 -0.47
N PHE A 93 -9.64 -1.54 0.62
CA PHE A 93 -9.80 -0.74 1.83
C PHE A 93 -9.48 0.75 1.62
N ASN A 94 -8.33 1.05 1.03
CA ASN A 94 -7.94 2.44 0.82
C ASN A 94 -8.93 3.16 -0.08
N SER A 95 -9.31 2.50 -1.17
CA SER A 95 -10.26 3.07 -2.12
C SER A 95 -11.62 3.37 -1.48
N VAL A 96 -12.14 2.40 -0.73
CA VAL A 96 -13.44 2.58 -0.09
C VAL A 96 -13.35 3.68 0.96
N ARG A 97 -12.25 3.76 1.69
CA ARG A 97 -12.07 4.85 2.64
C ARG A 97 -12.12 6.20 1.92
N LEU A 98 -11.54 6.25 0.73
CA LEU A 98 -11.44 7.50 -0.02
C LEU A 98 -12.78 7.88 -0.66
N LEU A 99 -13.47 6.89 -1.26
CA LEU A 99 -14.83 7.10 -1.74
C LEU A 99 -15.73 7.60 -0.63
N GLN A 100 -15.69 6.94 0.52
CA GLN A 100 -16.45 7.38 1.70
C GLN A 100 -16.14 8.82 2.11
N ALA A 101 -14.90 9.26 1.89
CA ALA A 101 -14.47 10.57 2.32
C ALA A 101 -14.88 11.64 1.31
N GLY A 102 -15.29 11.21 0.13
CA GLY A 102 -15.85 12.10 -0.87
C GLY A 102 -14.96 12.31 -2.08
N PHE A 103 -13.84 11.61 -2.14
CA PHE A 103 -12.93 11.75 -3.27
C PHE A 103 -13.48 11.00 -4.48
N ASP A 104 -13.21 11.50 -5.67
CA ASP A 104 -13.44 10.71 -6.87
C ASP A 104 -12.25 9.80 -7.06
N VAL A 105 -12.50 8.50 -7.14
CA VAL A 105 -11.43 7.52 -7.06
C VAL A 105 -11.45 6.56 -8.25
N VAL A 106 -10.28 6.37 -8.86
CA VAL A 106 -10.07 5.27 -9.77
C VAL A 106 -9.25 4.20 -9.06
N SER A 107 -9.74 2.97 -9.09
CA SER A 107 -9.12 1.86 -8.35
C SER A 107 -8.45 0.86 -9.27
N ALA A 108 -7.12 0.91 -9.31
CA ALA A 108 -6.36 0.04 -10.17
C ALA A 108 -5.58 -1.03 -9.38
N ASP A 109 -5.34 -2.16 -10.03
CA ASP A 109 -4.54 -3.22 -9.46
C ASP A 109 -4.06 -4.11 -10.62
N GLY A 110 -2.91 -4.74 -10.48
CA GLY A 110 -2.49 -5.69 -11.49
C GLY A 110 -3.34 -6.96 -11.53
N SER A 111 -4.08 -7.22 -10.47
CA SER A 111 -4.82 -8.48 -10.36
C SER A 111 -6.32 -8.29 -10.58
N ALA A 112 -6.85 -8.96 -11.61
CA ALA A 112 -8.28 -8.92 -11.89
C ALA A 112 -9.06 -9.51 -10.71
N GLU A 113 -8.54 -10.58 -10.12
CA GLU A 113 -9.17 -11.26 -8.99
C GLU A 113 -9.30 -10.35 -7.76
N MET A 114 -8.29 -9.54 -7.49
CA MET A 114 -8.32 -8.59 -6.39
C MET A 114 -9.41 -7.55 -6.63
N LEU A 115 -9.45 -7.08 -7.88
CA LEU A 115 -10.40 -6.05 -8.29
C LEU A 115 -11.84 -6.52 -8.16
N VAL A 116 -12.10 -7.79 -8.46
CA VAL A 116 -13.43 -8.34 -8.26
C VAL A 116 -13.79 -8.29 -6.75
N LYS A 117 -12.86 -8.67 -5.89
CA LYS A 117 -13.10 -8.61 -4.45
C LYS A 117 -13.30 -7.15 -4.02
N ALA A 118 -12.52 -6.23 -4.59
CA ALA A 118 -12.62 -4.82 -4.23
C ALA A 118 -13.98 -4.20 -4.62
N PHE A 119 -14.43 -4.51 -5.83
CA PHE A 119 -15.69 -3.98 -6.34
C PHE A 119 -16.84 -4.46 -5.45
N ASP A 120 -16.79 -5.72 -5.03
CA ASP A 120 -17.87 -6.28 -4.22
C ASP A 120 -17.81 -5.73 -2.79
N ASN A 121 -16.60 -5.52 -2.27
CA ASN A 121 -16.50 -4.89 -0.95
C ASN A 121 -17.02 -3.46 -0.99
N ALA A 122 -16.71 -2.75 -2.08
CA ALA A 122 -17.20 -1.38 -2.25
C ALA A 122 -18.72 -1.40 -2.33
N ARG A 123 -19.23 -2.34 -3.12
CA ARG A 123 -20.67 -2.47 -3.31
C ARG A 123 -21.33 -2.66 -1.96
N ASP A 124 -20.72 -3.50 -1.11
CA ASP A 124 -21.27 -3.80 0.21
C ASP A 124 -21.28 -2.57 1.12
N HIS A 125 -20.38 -1.63 0.88
CA HIS A 125 -20.33 -0.38 1.63
C HIS A 125 -21.12 0.73 0.96
N GLY A 126 -21.79 0.39 -0.14
CA GLY A 126 -22.72 1.32 -0.79
C GLY A 126 -22.12 2.22 -1.85
N TYR A 127 -20.98 1.83 -2.40
CA TYR A 127 -20.29 2.63 -3.42
C TYR A 127 -20.02 1.85 -4.69
N LEU A 128 -20.11 2.54 -5.81
CA LEU A 128 -19.72 2.00 -7.09
C LEU A 128 -18.24 2.25 -7.33
N MET A 129 -17.45 1.21 -7.35
CA MET A 129 -16.03 1.36 -7.61
C MET A 129 -15.74 1.43 -9.12
N ARG A 130 -14.74 2.23 -9.50
CA ARG A 130 -14.28 2.23 -10.89
CA ARG A 130 -14.27 2.25 -10.89
C ARG A 130 -12.97 1.46 -10.98
N THR A 131 -13.05 0.21 -11.40
CA THR A 131 -11.87 -0.67 -11.41
C THR A 131 -11.14 -0.64 -12.75
N VAL A 132 -9.81 -0.77 -12.70
CA VAL A 132 -8.99 -0.86 -13.91
C VAL A 132 -7.84 -1.81 -13.64
N GLN A 133 -7.71 -2.85 -14.45
CA GLN A 133 -6.57 -3.73 -14.31
C GLN A 133 -5.38 -3.10 -15.02
N ALA A 134 -4.27 -2.94 -14.30
CA ALA A 134 -3.10 -2.27 -14.86
C ALA A 134 -1.86 -2.66 -14.10
N ASP A 135 -0.78 -2.89 -14.83
CA ASP A 135 0.50 -3.10 -14.20
C ASP A 135 1.20 -1.76 -14.00
N TRP A 136 1.78 -1.57 -12.82
CA TRP A 136 2.54 -0.36 -12.48
C TRP A 136 3.55 0.04 -13.56
N ARG A 137 4.10 -0.96 -14.25
CA ARG A 137 5.17 -0.72 -15.18
C ARG A 137 4.70 -0.14 -16.52
N TRP A 138 3.39 -0.12 -16.74
CA TRP A 138 2.81 0.51 -17.93
C TRP A 138 1.40 0.97 -17.57
N MET A 139 1.31 1.88 -16.60
CA MET A 139 0.02 2.34 -16.09
C MET A 139 -0.84 3.07 -17.11
N ASN A 140 -0.24 3.91 -17.94
CA ASN A 140 -1.04 4.73 -18.84
C ASN A 140 -1.47 3.99 -20.11
N LYS A 141 -1.23 2.68 -20.16
CA LYS A 141 -1.76 1.83 -21.21
C LYS A 141 -3.30 1.85 -21.23
N ASP A 142 -3.91 1.89 -20.04
CA ASP A 142 -5.36 1.83 -19.94
C ASP A 142 -5.95 2.98 -19.12
N ILE A 143 -5.08 3.79 -18.54
CA ILE A 143 -5.51 4.95 -17.76
C ILE A 143 -5.17 6.27 -18.49
N HIS A 144 -6.20 7.01 -18.88
CA HIS A 144 -6.02 8.12 -19.79
C HIS A 144 -6.27 9.49 -19.16
N ASP A 145 -6.39 9.50 -17.83
CA ASP A 145 -6.62 10.74 -17.09
C ASP A 145 -5.38 11.13 -16.28
N LYS A 146 -5.36 12.35 -15.76
CA LYS A 146 -4.32 12.77 -14.83
C LYS A 146 -4.96 12.99 -13.45
N PHE A 147 -4.18 12.83 -12.38
CA PHE A 147 -4.75 12.81 -11.02
C PHE A 147 -4.15 13.84 -10.08
N ASP A 148 -4.94 14.27 -9.10
CA ASP A 148 -4.46 15.14 -8.04
C ASP A 148 -3.55 14.38 -7.09
N ALA A 149 -3.83 13.10 -6.91
CA ALA A 149 -3.04 12.27 -6.01
C ALA A 149 -3.06 10.82 -6.42
N ILE A 150 -1.99 10.12 -6.06
CA ILE A 150 -1.92 8.68 -6.22
C ILE A 150 -1.61 8.10 -4.87
N VAL A 151 -2.31 7.04 -4.48
CA VAL A 151 -1.99 6.34 -3.26
C VAL A 151 -1.52 4.92 -3.60
N CYS A 152 -0.45 4.53 -2.93
CA CYS A 152 0.17 3.23 -3.06
C CYS A 152 0.45 2.77 -1.64
N LEU A 153 -0.60 2.28 -0.96
CA LEU A 153 -0.54 2.02 0.48
C LEU A 153 -0.63 0.54 0.84
N GLY A 154 -0.51 0.26 2.14
CA GLY A 154 -0.52 -1.10 2.62
C GLY A 154 0.76 -1.87 2.33
N ASN A 155 1.89 -1.15 2.22
CA ASN A 155 3.19 -1.78 1.96
C ASN A 155 3.12 -2.60 0.68
N SER A 156 2.95 -1.90 -0.44
CA SER A 156 2.70 -2.55 -1.72
C SER A 156 3.90 -2.48 -2.65
N PHE A 157 4.56 -1.31 -2.64
CA PHE A 157 5.71 -1.05 -3.51
C PHE A 157 6.83 -2.09 -3.28
N THR A 158 6.88 -2.59 -2.05
CA THR A 158 7.79 -3.66 -1.63
C THR A 158 7.68 -4.96 -2.47
N HIS A 159 6.62 -5.11 -3.25
CA HIS A 159 6.47 -6.34 -4.04
C HIS A 159 7.38 -6.41 -5.27
N LEU A 160 7.98 -5.28 -5.64
CA LEU A 160 8.96 -5.27 -6.74
C LEU A 160 10.36 -5.68 -6.29
N PHE A 161 10.94 -6.69 -6.94
CA PHE A 161 12.31 -7.13 -6.60
C PHE A 161 13.40 -6.60 -7.55
N ASP A 162 13.02 -6.01 -8.68
CA ASP A 162 13.99 -5.45 -9.61
C ASP A 162 14.05 -3.91 -9.54
N GLU A 163 15.25 -3.34 -9.55
CA GLU A 163 15.36 -1.89 -9.44
C GLU A 163 14.84 -1.18 -10.70
N GLY A 164 15.03 -1.78 -11.88
CA GLY A 164 14.53 -1.22 -13.12
C GLY A 164 13.01 -1.09 -13.06
N ASP A 165 12.36 -2.14 -12.55
CA ASP A 165 10.93 -2.12 -12.35
C ASP A 165 10.49 -1.03 -11.36
N ARG A 166 11.24 -0.83 -10.28
CA ARG A 166 10.93 0.23 -9.31
C ARG A 166 10.95 1.60 -9.94
N ARG A 167 12.00 1.89 -10.70
CA ARG A 167 12.12 3.16 -11.39
C ARG A 167 10.96 3.34 -12.36
N LYS A 168 10.67 2.30 -13.15
CA LYS A 168 9.61 2.36 -14.13
C LYS A 168 8.27 2.67 -13.47
N ALA A 169 7.99 1.96 -12.38
CA ALA A 169 6.74 2.11 -11.65
C ALA A 169 6.57 3.55 -11.18
N LEU A 170 7.63 4.10 -10.60
CA LEU A 170 7.59 5.45 -10.09
C LEU A 170 7.45 6.48 -11.22
N ALA A 171 8.13 6.23 -12.35
CA ALA A 171 8.02 7.14 -13.49
C ALA A 171 6.59 7.09 -14.04
N GLU A 172 6.00 5.90 -14.08
CA GLU A 172 4.60 5.78 -14.47
C GLU A 172 3.69 6.58 -13.52
N PHE A 173 3.92 6.49 -12.21
CA PHE A 173 3.08 7.23 -11.25
C PHE A 173 3.27 8.72 -11.45
N TYR A 174 4.52 9.12 -11.62
CA TYR A 174 4.88 10.52 -11.76
C TYR A 174 4.18 11.13 -12.99
N ALA A 175 4.08 10.34 -14.05
CA ALA A 175 3.47 10.86 -15.28
C ALA A 175 1.97 10.97 -15.12
N LEU A 176 1.39 10.18 -14.23
CA LEU A 176 -0.07 10.19 -14.06
C LEU A 176 -0.52 11.34 -13.17
N LEU A 177 0.42 12.04 -12.56
CA LEU A 177 0.09 13.14 -11.68
C LEU A 177 0.02 14.47 -12.43
N LYS A 178 -0.98 15.29 -12.07
CA LYS A 178 -1.02 16.68 -12.52
C LYS A 178 0.25 17.40 -12.04
N HIS A 179 0.55 18.54 -12.66
CA HIS A 179 1.78 19.27 -12.35
C HIS A 179 1.96 19.48 -10.85
N ASP A 180 0.86 19.73 -10.13
CA ASP A 180 0.90 19.94 -8.69
C ASP A 180 0.42 18.72 -7.90
N GLY A 181 0.48 17.55 -8.52
CA GLY A 181 -0.01 16.32 -7.89
C GLY A 181 0.86 15.80 -6.77
N VAL A 182 0.38 14.77 -6.08
CA VAL A 182 1.15 14.18 -4.98
C VAL A 182 1.05 12.65 -4.97
N LEU A 183 2.16 12.01 -4.62
CA LEU A 183 2.23 10.56 -4.47
C LEU A 183 2.32 10.19 -2.99
N LEU A 184 1.42 9.33 -2.55
CA LEU A 184 1.49 8.83 -1.19
C LEU A 184 1.86 7.36 -1.26
N LEU A 185 3.02 7.01 -0.74
CA LEU A 185 3.54 5.65 -0.87
C LEU A 185 4.08 5.19 0.47
N ASP A 186 3.59 4.07 0.97
CA ASP A 186 4.10 3.61 2.26
C ASP A 186 4.92 2.33 2.16
N GLN A 187 5.48 1.94 3.29
CA GLN A 187 6.31 0.75 3.37
C GLN A 187 6.48 0.39 4.83
N ARG A 188 6.78 -0.88 5.09
CA ARG A 188 7.22 -1.24 6.42
C ARG A 188 8.59 -0.61 6.70
N ASN A 189 8.91 -0.47 7.97
CA ASN A 189 10.22 -0.04 8.41
C ASN A 189 11.17 -1.23 8.36
N TYR A 190 11.89 -1.39 7.25
CA TYR A 190 12.83 -2.49 7.14
C TYR A 190 14.18 -2.16 7.78
N ASP A 191 14.49 -0.87 7.92
CA ASP A 191 15.76 -0.46 8.52
C ASP A 191 15.89 -1.03 9.93
N ALA A 192 14.77 -1.05 10.65
CA ALA A 192 14.76 -1.48 12.04
C ALA A 192 15.18 -2.93 12.12
N ILE A 193 14.68 -3.72 11.19
CA ILE A 193 15.00 -5.13 11.11
C ILE A 193 16.44 -5.39 10.65
N LEU A 194 16.82 -4.75 9.55
CA LEU A 194 18.13 -4.96 8.93
C LEU A 194 19.31 -4.56 9.83
N ASP A 195 19.09 -3.59 10.70
CA ASP A 195 20.18 -3.06 11.55
C ASP A 195 20.24 -3.73 12.92
N ASP A 196 19.14 -4.32 13.37
CA ASP A 196 19.16 -5.07 14.63
C ASP A 196 19.21 -6.57 14.35
N SER A 200 14.97 -6.71 17.38
CA SER A 200 14.20 -6.70 16.15
C SER A 200 13.55 -8.05 15.77
N LYS A 201 14.17 -9.15 16.20
CA LYS A 201 13.69 -10.48 15.83
C LYS A 201 12.52 -10.92 16.72
N HIS A 202 11.37 -10.24 16.55
CA HIS A 202 10.15 -10.54 17.29
C HIS A 202 8.92 -10.28 16.42
N ALA A 203 7.76 -10.71 16.89
CA ALA A 203 6.52 -10.56 16.14
C ALA A 203 5.88 -9.17 16.34
N HIS A 204 5.16 -8.72 15.32
CA HIS A 204 4.36 -7.50 15.35
C HIS A 204 2.90 -7.87 15.21
N TYR A 205 2.06 -7.33 16.09
CA TYR A 205 0.64 -7.68 16.06
C TYR A 205 -0.19 -6.56 15.46
N TYR A 206 -1.29 -6.92 14.80
CA TYR A 206 -2.19 -5.95 14.17
C TYR A 206 -3.63 -6.28 14.50
N CYS A 207 -4.42 -5.22 14.72
CA CYS A 207 -5.81 -5.32 15.16
C CYS A 207 -5.88 -6.19 16.43
N GLY A 208 -5.43 -5.62 17.54
CA GLY A 208 -5.26 -6.39 18.75
C GLY A 208 -4.26 -7.49 18.46
N ASP A 209 -4.66 -8.72 18.73
CA ASP A 209 -3.84 -9.89 18.48
C ASP A 209 -4.37 -10.73 17.31
N THR A 210 -5.16 -10.12 16.42
CA THR A 210 -5.79 -10.88 15.34
C THR A 210 -4.74 -11.51 14.41
N VAL A 211 -3.69 -10.76 14.08
CA VAL A 211 -2.61 -11.32 13.26
C VAL A 211 -1.27 -10.86 13.82
N SER A 212 -0.30 -11.77 13.82
CA SER A 212 1.07 -11.41 14.13
C SER A 212 1.92 -11.58 12.87
N VAL A 213 2.93 -10.73 12.75
CA VAL A 213 3.79 -10.70 11.58
C VAL A 213 5.24 -10.84 12.06
N TYR A 214 5.87 -11.94 11.70
CA TYR A 214 7.18 -12.27 12.21
C TYR A 214 8.20 -12.39 11.07
N PRO A 215 9.33 -11.67 11.19
CA PRO A 215 10.38 -11.76 10.15
C PRO A 215 11.18 -13.07 10.26
N GLU A 216 10.91 -14.03 9.37
CA GLU A 216 11.58 -15.33 9.41
C GLU A 216 12.99 -15.24 8.86
N HIS A 217 13.15 -14.42 7.83
CA HIS A 217 14.42 -14.24 7.16
C HIS A 217 14.47 -12.86 6.55
N VAL A 218 15.51 -12.10 6.87
CA VAL A 218 15.67 -10.80 6.28
C VAL A 218 17.10 -10.59 5.91
N ASP A 219 17.35 -10.29 4.64
CA ASP A 219 18.65 -9.76 4.28
C ASP A 219 18.38 -8.58 3.36
N GLU A 220 19.41 -8.04 2.75
CA GLU A 220 19.23 -6.78 2.04
C GLU A 220 18.47 -6.92 0.74
N GLY A 221 18.36 -8.14 0.24
CA GLY A 221 17.60 -8.40 -0.97
C GLY A 221 16.27 -9.11 -0.76
N LEU A 222 15.96 -9.53 0.46
CA LEU A 222 14.74 -10.32 0.68
C LEU A 222 14.31 -10.35 2.14
N ALA A 223 13.02 -10.09 2.35
CA ALA A 223 12.42 -10.30 3.67
C ALA A 223 11.30 -11.31 3.51
N ARG A 224 11.34 -12.36 4.33
CA ARG A 224 10.21 -13.28 4.38
C ARG A 224 9.50 -13.18 5.73
N PHE A 225 8.20 -12.90 5.69
CA PHE A 225 7.39 -12.79 6.90
C PHE A 225 6.45 -13.96 7.07
N LYS A 226 6.32 -14.42 8.31
CA LYS A 226 5.30 -15.36 8.69
C LYS A 226 4.10 -14.60 9.24
N TYR A 227 2.94 -14.74 8.60
CA TYR A 227 1.70 -14.16 9.13
C TYR A 227 0.90 -15.26 9.78
N GLU A 228 0.62 -15.08 11.08
CA GLU A 228 -0.23 -16.02 11.81
C GLU A 228 -1.47 -15.33 12.33
N PHE A 229 -2.61 -15.88 11.98
CA PHE A 229 -3.89 -15.33 12.39
C PHE A 229 -4.43 -16.00 13.65
N SER A 230 -5.42 -15.37 14.26
CA SER A 230 -5.93 -15.84 15.54
C SER A 230 -6.64 -17.19 15.44
N ASP A 231 -6.97 -17.61 14.22
CA ASP A 231 -7.66 -18.89 14.04
C ASP A 231 -6.67 -20.02 13.71
N GLY A 232 -5.37 -19.72 13.75
CA GLY A 232 -4.35 -20.70 13.47
C GLY A 232 -3.77 -20.66 12.05
N SER A 233 -4.42 -19.96 11.14
CA SER A 233 -3.95 -19.84 9.75
C SER A 233 -2.56 -19.21 9.68
N VAL A 234 -1.69 -19.81 8.89
CA VAL A 234 -0.36 -19.27 8.66
C VAL A 234 -0.12 -19.06 7.18
N TYR A 235 0.44 -17.91 6.83
CA TYR A 235 0.87 -17.62 5.47
C TYR A 235 2.29 -17.05 5.52
N ASN A 236 3.11 -17.38 4.53
CA ASN A 236 4.46 -16.87 4.45
C ASN A 236 4.65 -16.08 3.18
N LEU A 237 5.11 -14.84 3.29
CA LEU A 237 5.18 -13.94 2.14
C LEU A 237 6.56 -13.31 1.96
N ASN A 238 7.01 -13.24 0.71
CA ASN A 238 8.27 -12.60 0.37
C ASN A 238 8.03 -11.15 -0.06
N MET A 239 8.96 -10.28 0.27
CA MET A 239 8.89 -8.91 -0.21
C MET A 239 10.28 -8.30 -0.15
N PHE A 240 10.45 -7.17 -0.82
CA PHE A 240 11.77 -6.56 -0.89
C PHE A 240 11.95 -5.53 0.23
N PRO A 241 13.03 -5.64 1.02
CA PRO A 241 13.16 -4.77 2.20
C PRO A 241 13.71 -3.37 1.89
N LEU A 242 12.86 -2.50 1.37
CA LEU A 242 13.25 -1.12 1.08
C LEU A 242 13.76 -0.36 2.29
N ARG A 243 15.00 0.07 2.26
CA ARG A 243 15.47 1.03 3.25
C ARG A 243 14.75 2.37 3.01
N LYS A 244 14.43 3.08 4.09
CA LYS A 244 13.74 4.37 4.01
C LYS A 244 14.46 5.34 3.05
N ASP A 245 15.78 5.46 3.19
CA ASP A 245 16.53 6.41 2.36
C ASP A 245 16.64 5.95 0.92
N TYR A 246 16.59 4.64 0.69
CA TYR A 246 16.64 4.11 -0.67
C TYR A 246 15.35 4.47 -1.42
N THR A 247 14.22 4.35 -0.75
CA THR A 247 12.95 4.74 -1.36
C THR A 247 12.91 6.23 -1.66
N ARG A 248 13.32 7.03 -0.68
CA ARG A 248 13.44 8.48 -0.85
C ARG A 248 14.33 8.83 -2.04
N GLN A 249 15.47 8.15 -2.17
CA GLN A 249 16.39 8.41 -3.27
C GLN A 249 15.75 8.09 -4.64
N LEU A 250 15.02 6.98 -4.72
CA LEU A 250 14.35 6.58 -5.96
C LEU A 250 13.31 7.62 -6.40
N LEU A 251 12.53 8.08 -5.43
CA LEU A 251 11.51 9.09 -5.69
C LEU A 251 12.14 10.38 -6.22
N HIS A 252 13.25 10.80 -5.58
CA HIS A 252 14.00 11.96 -6.06
C HIS A 252 14.53 11.76 -7.47
N GLU A 253 15.02 10.56 -7.76
CA GLU A 253 15.70 10.32 -9.03
C GLU A 253 14.76 10.29 -10.23
N VAL A 254 13.52 9.87 -10.05
CA VAL A 254 12.60 9.87 -11.18
C VAL A 254 11.91 11.23 -11.37
N GLY A 255 12.20 12.20 -10.50
CA GLY A 255 11.74 13.56 -10.71
C GLY A 255 10.93 14.27 -9.63
N PHE A 256 10.60 13.58 -8.53
CA PHE A 256 9.80 14.20 -7.47
C PHE A 256 10.58 15.30 -6.73
N GLN A 257 9.97 16.48 -6.63
CA GLN A 257 10.66 17.70 -6.17
C GLN A 257 10.87 17.75 -4.66
N GLU A 258 9.90 17.28 -3.90
CA GLU A 258 9.96 17.34 -2.44
C GLU A 258 9.33 16.13 -1.79
N ILE A 259 10.05 15.53 -0.83
CA ILE A 259 9.56 14.31 -0.22
C ILE A 259 9.59 14.40 1.29
N ASN A 260 8.43 14.22 1.91
CA ASN A 260 8.38 14.15 3.35
C ASN A 260 8.03 12.73 3.80
N THR A 261 8.88 12.14 4.64
CA THR A 261 8.62 10.80 5.10
C THR A 261 8.15 10.84 6.55
N LEU A 262 6.98 10.26 6.80
CA LEU A 262 6.40 10.23 8.13
C LEU A 262 6.50 8.86 8.79
N GLY A 263 6.77 8.86 10.09
CA GLY A 263 6.74 7.62 10.86
C GLY A 263 5.30 7.24 11.14
N ASP A 264 4.98 5.97 10.95
CA ASP A 264 3.62 5.51 11.17
C ASP A 264 3.60 4.28 12.07
N PHE A 265 3.05 4.46 13.27
CA PHE A 265 2.96 3.39 14.24
C PHE A 265 1.63 2.68 14.11
N LYS A 266 1.62 1.50 13.49
CA LYS A 266 0.38 0.77 13.28
C LYS A 266 0.23 -0.41 14.24
N GLU A 267 1.34 -0.96 14.73
CA GLU A 267 1.25 -2.23 15.46
C GLU A 267 0.60 -2.07 16.83
N THR A 268 0.11 -3.18 17.36
CA THR A 268 -0.62 -3.17 18.60
C THR A 268 0.28 -2.77 19.78
N TYR A 269 1.50 -3.29 19.79
CA TYR A 269 2.44 -3.04 20.88
C TYR A 269 3.58 -2.15 20.39
N LYS A 270 3.48 -0.86 20.70
CA LYS A 270 4.35 0.15 20.10
C LYS A 270 5.78 0.07 20.63
N GLU A 271 6.72 0.32 19.73
CA GLU A 271 8.13 0.35 20.04
C GLU A 271 8.60 1.78 19.84
N ASP A 272 9.88 2.04 20.09
CA ASP A 272 10.45 3.36 19.82
C ASP A 272 10.48 3.70 18.33
N GLU A 273 10.66 2.68 17.49
CA GLU A 273 10.69 2.86 16.05
C GLU A 273 9.30 2.59 15.47
N PRO A 274 8.89 3.39 14.46
CA PRO A 274 7.62 3.09 13.80
C PRO A 274 7.74 1.79 13.01
N ASP A 275 6.67 1.03 12.86
CA ASP A 275 6.74 -0.17 12.02
C ASP A 275 6.52 0.18 10.54
N PHE A 276 6.00 1.38 10.28
CA PHE A 276 5.76 1.81 8.91
C PHE A 276 6.31 3.22 8.66
N PHE A 277 6.57 3.52 7.38
CA PHE A 277 6.86 4.86 6.92
C PHE A 277 5.87 5.21 5.85
N LEU A 278 5.44 6.47 5.84
CA LEU A 278 4.61 6.98 4.75
C LEU A 278 5.38 8.09 4.01
N HIS A 279 5.62 7.89 2.71
CA HIS A 279 6.30 8.93 1.92
C HIS A 279 5.26 9.81 1.23
N VAL A 280 5.36 11.12 1.47
CA VAL A 280 4.55 12.11 0.78
C VAL A 280 5.43 12.84 -0.23
N ALA A 281 5.34 12.45 -1.49
CA ALA A 281 6.20 12.99 -2.53
C ALA A 281 5.44 13.94 -3.46
N GLU A 282 5.84 15.21 -3.48
CA GLU A 282 5.20 16.21 -4.33
C GLU A 282 5.91 16.32 -5.66
N LYS A 283 5.14 16.29 -6.74
CA LYS A 283 5.68 16.42 -8.08
C LYS A 283 6.33 17.80 -8.25
N ASN A 284 5.86 18.77 -7.47
CA ASN A 284 6.48 20.10 -7.41
C ASN A 284 6.36 20.78 -6.04
#